data_3AGZ
#
_entry.id   3AGZ
#
_cell.length_a   111.057
_cell.length_b   50.904
_cell.length_c   90.148
_cell.angle_alpha   90.000
_cell.angle_beta   114.760
_cell.angle_gamma   90.000
#
_symmetry.space_group_name_H-M   'C 1 2 1'
#
loop_
_entity.id
_entity.type
_entity.pdbx_description
1 polymer 'DnaJ homolog subfamily B member 1'
2 polymer 'peptide of Heat shock cognate 71 kDa protein'
3 water water
#
loop_
_entity_poly.entity_id
_entity_poly.type
_entity_poly.pdbx_seq_one_letter_code
_entity_poly.pdbx_strand_id
1 'polypeptide(L)'
;SAQEPARKKQDPPVTHDLRVSLEEIYSGCTKKMKISHKRLNPDGKSIRNEDKILTIEVKKGWKEGTKITFPKEGDQTSNN
IPADIVFVLKDKPHNIFKRDGSDVIYPARISLREALCGCTVNVPTLDGRTIPVVFKDVIRPGMRRKVPGEGLPLPKTPEK
RGDLIIEFEVIFPERIPQTSRTVLEQVLPI
;
A,B
2 'polypeptide(L)' GPTIEEVD C,D,E,F
#
# COMPACT_ATOMS: atom_id res chain seq x y z
N ALA A 6 9.40 41.65 27.07
CA ALA A 6 8.83 40.71 28.07
C ALA A 6 8.08 39.54 27.39
N ARG A 7 8.68 38.98 26.34
CA ARG A 7 8.07 37.94 25.48
C ARG A 7 8.55 36.53 25.78
N LYS A 8 7.70 35.54 25.52
CA LYS A 8 8.03 34.13 25.79
C LYS A 8 8.44 33.41 24.49
N LYS A 9 8.18 32.09 24.38
CA LYS A 9 8.14 31.35 23.09
C LYS A 9 7.87 29.81 23.15
N GLN A 10 7.03 29.36 22.20
CA GLN A 10 6.32 28.06 22.29
C GLN A 10 7.10 26.84 21.84
N ASP A 11 7.18 25.85 22.70
CA ASP A 11 7.72 24.54 22.34
C ASP A 11 6.88 23.83 21.23
N PRO A 12 7.53 23.01 20.40
CA PRO A 12 6.72 22.28 19.40
C PRO A 12 5.74 21.28 20.04
N PRO A 13 4.66 20.91 19.33
CA PRO A 13 3.67 20.01 19.94
C PRO A 13 4.25 18.62 20.24
N VAL A 14 3.73 17.96 21.28
CA VAL A 14 4.09 16.55 21.54
C VAL A 14 2.99 15.67 20.96
N THR A 15 3.34 14.62 20.24
CA THR A 15 2.29 13.70 19.74
C THR A 15 2.17 12.40 20.53
N HIS A 16 0.96 11.86 20.60
CA HIS A 16 0.72 10.64 21.33
C HIS A 16 -0.39 9.93 20.61
N ASP A 17 -0.22 8.64 20.37
CA ASP A 17 -1.26 7.83 19.71
C ASP A 17 -2.38 7.49 20.64
N LEU A 18 -3.56 7.42 20.10
CA LEU A 18 -4.72 7.04 20.85
C LEU A 18 -5.34 5.90 20.08
N ARG A 19 -5.11 4.70 20.61
CA ARG A 19 -5.49 3.47 19.94
C ARG A 19 -6.91 3.15 20.40
N VAL A 20 -7.79 2.80 19.46
CA VAL A 20 -9.22 2.70 19.73
C VAL A 20 -9.78 1.60 18.87
N SER A 21 -10.57 0.71 19.46
CA SER A 21 -11.07 -0.44 18.70
C SER A 21 -12.21 -0.02 17.79
N LEU A 22 -12.49 -0.87 16.81
CA LEU A 22 -13.67 -0.69 15.95
C LEU A 22 -14.98 -0.54 16.73
N GLU A 23 -15.24 -1.43 17.69
CA GLU A 23 -16.47 -1.30 18.50
C GLU A 23 -16.53 0.06 19.18
N GLU A 24 -15.38 0.58 19.61
CA GLU A 24 -15.38 1.88 20.26
C GLU A 24 -15.62 3.03 19.29
N ILE A 25 -15.19 2.86 18.04
CA ILE A 25 -15.48 3.78 16.95
C ILE A 25 -16.95 3.66 16.60
N TYR A 26 -17.47 2.43 16.61
CA TYR A 26 -18.90 2.21 16.32
C TYR A 26 -19.79 3.04 17.23
N SER A 27 -19.53 2.97 18.54
CA SER A 27 -20.44 3.54 19.54
C SER A 27 -19.98 4.88 20.15
N GLY A 28 -18.72 5.19 20.03
CA GLY A 28 -18.16 6.28 20.81
C GLY A 28 -17.62 5.69 22.09
N CYS A 29 -16.80 6.46 22.81
CA CYS A 29 -16.32 6.15 24.15
C CYS A 29 -15.59 7.34 24.70
N THR A 30 -15.22 7.24 25.98
CA THR A 30 -14.42 8.22 26.66
C THR A 30 -13.07 7.60 26.94
N LYS A 31 -12.00 8.38 26.75
CA LYS A 31 -10.66 7.93 27.11
C LYS A 31 -10.01 8.96 28.02
N LYS A 32 -9.39 8.48 29.09
CA LYS A 32 -8.76 9.36 30.10
C LYS A 32 -7.26 9.16 29.96
N MET A 33 -6.57 10.25 29.60
CA MET A 33 -5.12 10.24 29.56
C MET A 33 -4.56 11.06 30.71
N LYS A 34 -3.70 10.42 31.48
CA LYS A 34 -3.02 11.06 32.59
C LYS A 34 -1.69 11.53 32.06
N ILE A 35 -1.49 12.84 32.16
CA ILE A 35 -0.24 13.47 31.78
C ILE A 35 0.47 14.01 33.04
N SER A 36 1.72 13.61 33.19
CA SER A 36 2.58 14.16 34.24
C SER A 36 3.48 15.19 33.60
N HIS A 37 3.39 16.42 34.09
CA HIS A 37 4.11 17.54 33.49
C HIS A 37 4.64 18.50 34.56
N LYS A 38 5.70 19.22 34.20
CA LYS A 38 6.22 20.29 35.05
C LYS A 38 5.40 21.56 34.87
N ARG A 39 4.98 22.17 35.99
CA ARG A 39 4.29 23.46 35.98
C ARG A 39 5.06 24.49 36.78
N LEU A 40 5.00 25.74 36.29
CA LEU A 40 5.63 26.89 36.93
C LEU A 40 4.80 27.41 38.09
N ASN A 41 5.39 27.37 39.28
CA ASN A 41 4.81 27.93 40.50
C ASN A 41 4.45 29.43 40.47
N PRO A 42 3.54 29.87 41.40
CA PRO A 42 3.37 31.25 41.88
C PRO A 42 4.54 32.18 41.53
N ASP A 43 5.72 31.84 42.04
CA ASP A 43 6.86 32.73 42.02
C ASP A 43 7.58 32.85 40.66
N GLY A 44 7.13 32.09 39.66
CA GLY A 44 7.72 32.16 38.30
C GLY A 44 9.17 31.70 38.21
N LYS A 45 9.56 30.82 39.12
CA LYS A 45 10.95 30.40 39.27
C LYS A 45 10.96 28.93 39.66
N SER A 46 10.04 28.56 40.54
CA SER A 46 9.98 27.21 41.09
C SER A 46 9.07 26.28 40.24
N ILE A 47 9.44 24.99 40.11
CA ILE A 47 8.75 24.05 39.22
C ILE A 47 8.33 22.77 39.95
N ARG A 48 7.04 22.45 39.90
CA ARG A 48 6.53 21.20 40.49
C ARG A 48 6.16 20.18 39.41
N ASN A 49 6.23 18.89 39.74
CA ASN A 49 5.53 17.87 38.98
C ASN A 49 4.02 17.91 39.32
N GLU A 50 3.16 17.90 38.31
CA GLU A 50 1.73 17.74 38.51
C GLU A 50 1.21 16.63 37.61
N ASP A 51 0.14 16.00 38.08
CA ASP A 51 -0.69 15.17 37.22
C ASP A 51 -1.97 15.88 36.81
N LYS A 52 -2.40 15.65 35.57
CA LYS A 52 -3.70 16.14 35.12
C LYS A 52 -4.35 15.09 34.19
N ILE A 53 -5.63 14.83 34.43
CA ILE A 53 -6.42 13.94 33.56
C ILE A 53 -6.88 14.73 32.33
N LEU A 54 -6.63 14.16 31.15
CA LEU A 54 -7.11 14.77 29.90
C LEU A 54 -8.12 13.85 29.28
N THR A 55 -9.37 14.32 29.18
CA THR A 55 -10.50 13.48 28.82
C THR A 55 -10.87 13.66 27.36
N ILE A 56 -10.89 12.53 26.64
CA ILE A 56 -11.16 12.59 25.23
C ILE A 56 -12.43 11.83 24.91
N GLU A 57 -13.45 12.58 24.51
CA GLU A 57 -14.69 11.96 24.07
C GLU A 57 -14.49 11.57 22.62
N VAL A 58 -14.28 10.28 22.40
CA VAL A 58 -14.14 9.76 21.04
C VAL A 58 -15.52 9.71 20.39
N LYS A 59 -15.69 10.50 19.35
CA LYS A 59 -16.95 10.62 18.64
C LYS A 59 -17.21 9.44 17.72
N LYS A 60 -18.44 8.94 17.70
CA LYS A 60 -18.90 7.94 16.69
C LYS A 60 -18.27 8.13 15.31
N GLY A 61 -17.62 7.10 14.80
CA GLY A 61 -17.21 7.10 13.39
C GLY A 61 -15.92 7.85 13.06
N TRP A 62 -15.23 8.38 14.08
CA TRP A 62 -13.98 9.11 13.87
C TRP A 62 -12.99 8.30 13.04
N LYS A 63 -12.36 8.93 12.06
CA LYS A 63 -11.39 8.24 11.20
C LYS A 63 -10.01 8.33 11.78
N GLU A 64 -9.19 7.33 11.48
CA GLU A 64 -7.76 7.34 11.78
C GLU A 64 -7.13 8.65 11.33
N GLY A 65 -6.36 9.27 12.24
CA GLY A 65 -5.66 10.54 11.99
C GLY A 65 -6.35 11.77 12.56
N THR A 66 -7.55 11.58 13.10
CA THR A 66 -8.24 12.65 13.79
C THR A 66 -7.28 13.11 14.86
N LYS A 67 -7.17 14.43 15.04
CA LYS A 67 -6.24 15.05 16.01
C LYS A 67 -7.06 15.66 17.10
N ILE A 68 -6.67 15.46 18.35
CA ILE A 68 -7.35 16.05 19.48
C ILE A 68 -6.25 16.78 20.24
N THR A 69 -6.27 18.12 20.18
CA THR A 69 -5.20 18.94 20.73
C THR A 69 -5.60 19.57 22.06
N PHE A 70 -4.81 19.34 23.10
CA PHE A 70 -4.97 20.05 24.38
C PHE A 70 -3.84 21.08 24.52
N PRO A 71 -4.14 22.35 24.21
CA PRO A 71 -3.14 23.43 24.10
C PRO A 71 -2.37 23.66 25.38
N LYS A 72 -1.08 23.87 25.23
CA LYS A 72 -0.20 24.20 26.35
C LYS A 72 -0.30 23.23 27.52
N GLU A 73 -0.50 21.95 27.25
CA GLU A 73 -0.47 20.97 28.35
C GLU A 73 0.90 20.34 28.57
N GLY A 74 1.90 20.70 27.76
CA GLY A 74 3.28 20.26 27.97
C GLY A 74 4.00 20.83 29.20
N ASP A 75 5.25 20.40 29.38
CA ASP A 75 6.18 20.87 30.45
C ASP A 75 6.34 22.40 30.43
N GLN A 76 6.20 23.02 31.59
CA GLN A 76 6.44 24.45 31.66
C GLN A 76 7.82 24.85 32.24
N THR A 77 8.43 25.86 31.60
CA THR A 77 9.66 26.52 32.05
C THR A 77 9.31 27.89 32.64
N SER A 78 10.30 28.60 33.18
CA SER A 78 10.08 29.96 33.66
C SER A 78 9.82 30.86 32.46
N ASN A 79 10.09 30.31 31.29
CA ASN A 79 10.34 31.09 30.10
C ASN A 79 9.51 30.77 28.86
N ASN A 80 9.00 29.56 28.77
CA ASN A 80 8.51 29.08 27.49
C ASN A 80 6.99 29.27 27.40
N ILE A 81 6.41 28.87 26.29
CA ILE A 81 4.98 28.61 26.23
C ILE A 81 4.97 27.09 26.12
N PRO A 82 4.24 26.42 27.06
CA PRO A 82 4.29 24.97 27.00
C PRO A 82 3.68 24.47 25.71
N ALA A 83 4.27 23.38 25.21
CA ALA A 83 3.80 22.65 24.01
C ALA A 83 2.35 22.20 24.11
N ASP A 84 1.73 22.16 22.95
CA ASP A 84 0.47 21.46 22.71
C ASP A 84 0.67 19.95 22.81
N ILE A 85 -0.30 19.27 23.43
CA ILE A 85 -0.33 17.81 23.44
C ILE A 85 -1.39 17.38 22.45
N VAL A 86 -0.94 16.73 21.36
CA VAL A 86 -1.78 16.29 20.23
C VAL A 86 -2.00 14.81 20.31
N PHE A 87 -3.24 14.39 20.44
CA PHE A 87 -3.54 12.98 20.42
C PHE A 87 -3.98 12.67 19.02
N VAL A 88 -3.43 11.59 18.47
CA VAL A 88 -3.77 11.11 17.14
C VAL A 88 -4.48 9.74 17.22
N LEU A 89 -5.68 9.68 16.64
CA LEU A 89 -6.47 8.45 16.65
C LEU A 89 -5.91 7.36 15.74
N LYS A 90 -5.69 6.19 16.33
CA LYS A 90 -5.23 5.03 15.55
C LYS A 90 -6.18 3.84 15.71
N ASP A 91 -6.50 3.21 14.59
CA ASP A 91 -7.23 1.95 14.63
C ASP A 91 -6.48 0.81 15.36
N LYS A 92 -7.13 0.10 16.29
CA LYS A 92 -6.66 -1.23 16.74
C LYS A 92 -7.00 -2.20 15.67
N PRO A 93 -6.03 -3.00 15.20
CA PRO A 93 -6.43 -4.13 14.33
C PRO A 93 -7.56 -4.97 14.97
N HIS A 94 -8.54 -5.38 14.17
CA HIS A 94 -9.64 -6.14 14.71
C HIS A 94 -9.44 -7.51 14.12
N ASN A 95 -9.75 -8.56 14.88
CA ASN A 95 -9.40 -9.93 14.43
C ASN A 95 -10.34 -10.51 13.38
N ILE A 96 -11.45 -9.84 13.10
CA ILE A 96 -12.41 -10.35 12.15
C ILE A 96 -12.69 -9.32 11.05
N PHE A 97 -13.03 -8.11 11.46
CA PHE A 97 -13.28 -7.04 10.52
C PHE A 97 -12.03 -6.33 10.06
N LYS A 98 -12.12 -5.71 8.87
CA LYS A 98 -11.16 -4.69 8.44
C LYS A 98 -11.83 -3.33 8.17
N ARG A 99 -11.27 -2.26 8.73
CA ARG A 99 -11.82 -0.90 8.55
C ARG A 99 -11.50 -0.22 7.19
N ASP A 100 -12.54 0.28 6.53
CA ASP A 100 -12.36 1.00 5.26
C ASP A 100 -13.17 2.29 5.30
N GLY A 101 -12.59 3.35 5.88
CA GLY A 101 -13.33 4.56 6.20
C GLY A 101 -14.51 4.30 7.16
N SER A 102 -15.73 4.50 6.67
CA SER A 102 -16.98 4.23 7.39
C SER A 102 -17.59 2.91 6.93
N ASP A 103 -16.90 2.22 6.02
CA ASP A 103 -17.21 0.83 5.69
C ASP A 103 -16.46 -0.18 6.54
N VAL A 104 -17.05 -1.36 6.71
CA VAL A 104 -16.40 -2.41 7.46
C VAL A 104 -16.31 -3.58 6.48
N ILE A 105 -15.11 -4.15 6.38
CA ILE A 105 -14.96 -5.30 5.52
C ILE A 105 -14.97 -6.56 6.36
N TYR A 106 -15.84 -7.49 5.97
CA TYR A 106 -15.91 -8.84 6.51
C TYR A 106 -15.38 -9.89 5.52
N PRO A 107 -14.13 -10.31 5.70
CA PRO A 107 -13.54 -11.39 4.88
C PRO A 107 -14.20 -12.68 5.23
N ALA A 108 -14.73 -13.34 4.23
CA ALA A 108 -15.44 -14.54 4.42
C ALA A 108 -14.72 -15.60 3.60
N ARG A 109 -14.27 -16.64 4.30
CA ARG A 109 -13.53 -17.71 3.65
C ARG A 109 -14.51 -18.82 3.39
N ILE A 110 -14.55 -19.28 2.16
CA ILE A 110 -15.48 -20.31 1.77
C ILE A 110 -14.72 -21.28 0.88
N SER A 111 -15.15 -22.53 0.86
CA SER A 111 -14.53 -23.54 0.05
C SER A 111 -15.04 -23.33 -1.35
N LEU A 112 -14.40 -23.99 -2.31
CA LEU A 112 -14.79 -23.90 -3.70
C LEU A 112 -16.13 -24.63 -3.94
N ARG A 113 -16.38 -25.59 -3.08
CA ARG A 113 -17.66 -26.25 -2.98
C ARG A 113 -18.74 -25.19 -2.65
N GLU A 114 -18.62 -24.51 -1.50
CA GLU A 114 -19.55 -23.44 -1.08
C GLU A 114 -19.66 -22.36 -2.19
N ALA A 115 -18.51 -21.97 -2.76
CA ALA A 115 -18.50 -20.99 -3.85
C ALA A 115 -19.30 -21.39 -5.09
N LEU A 116 -19.32 -22.68 -5.43
CA LEU A 116 -19.97 -23.11 -6.68
C LEU A 116 -21.36 -23.70 -6.48
N CYS A 117 -21.62 -24.18 -5.26
CA CYS A 117 -22.82 -24.94 -5.01
C CYS A 117 -23.89 -24.15 -4.27
N GLY A 118 -23.60 -22.92 -3.85
CA GLY A 118 -24.50 -22.21 -2.95
C GLY A 118 -24.00 -22.33 -1.53
N CYS A 119 -24.19 -21.28 -0.75
CA CYS A 119 -23.92 -21.27 0.67
C CYS A 119 -24.59 -20.08 1.36
N THR A 120 -24.39 -19.97 2.67
CA THR A 120 -25.04 -18.96 3.50
C THR A 120 -24.00 -18.39 4.42
N VAL A 121 -23.99 -17.07 4.54
CA VAL A 121 -22.97 -16.44 5.32
C VAL A 121 -23.64 -15.61 6.44
N ASN A 122 -23.29 -15.95 7.68
CA ASN A 122 -23.79 -15.25 8.83
C ASN A 122 -22.86 -14.06 9.17
N VAL A 123 -23.33 -12.87 8.87
CA VAL A 123 -22.48 -11.69 8.95
C VAL A 123 -22.62 -11.15 10.35
N PRO A 124 -21.51 -11.08 11.12
CA PRO A 124 -21.73 -10.50 12.43
C PRO A 124 -21.73 -8.99 12.30
N THR A 125 -22.49 -8.32 13.15
CA THR A 125 -22.47 -6.85 13.15
C THR A 125 -21.79 -6.33 14.41
N LEU A 126 -21.19 -5.16 14.32
CA LEU A 126 -20.47 -4.60 15.47
C LEU A 126 -21.26 -4.47 16.78
N ASP A 127 -22.59 -4.54 16.73
CA ASP A 127 -23.38 -4.31 17.94
C ASP A 127 -24.01 -5.60 18.46
N GLY A 128 -23.64 -6.71 17.86
CA GLY A 128 -24.10 -8.02 18.30
C GLY A 128 -25.06 -8.81 17.39
N ARG A 129 -25.73 -8.14 16.46
CA ARG A 129 -26.71 -8.83 15.60
C ARG A 129 -26.01 -9.72 14.62
N THR A 130 -26.79 -10.46 13.83
CA THR A 130 -26.25 -11.41 12.85
C THR A 130 -27.20 -11.40 11.71
N ILE A 131 -26.64 -11.36 10.52
CA ILE A 131 -27.44 -11.15 9.32
C ILE A 131 -27.11 -12.26 8.34
N PRO A 132 -28.06 -13.18 8.11
CA PRO A 132 -27.72 -14.34 7.21
C PRO A 132 -27.88 -13.92 5.77
N VAL A 133 -26.89 -14.23 4.93
CA VAL A 133 -27.00 -13.82 3.53
C VAL A 133 -26.83 -15.07 2.69
N VAL A 134 -27.84 -15.34 1.85
CA VAL A 134 -27.89 -16.56 1.06
C VAL A 134 -27.38 -16.31 -0.33
N PHE A 135 -26.40 -17.11 -0.75
CA PHE A 135 -25.91 -17.06 -2.13
C PHE A 135 -26.33 -18.28 -2.89
N LYS A 136 -27.21 -18.09 -3.86
CA LYS A 136 -27.63 -19.15 -4.73
C LYS A 136 -26.69 -19.27 -5.96
N ASP A 137 -26.16 -18.14 -6.44
CA ASP A 137 -25.35 -18.13 -7.66
C ASP A 137 -23.86 -18.37 -7.39
N VAL A 138 -23.07 -18.53 -8.46
CA VAL A 138 -21.63 -18.69 -8.32
C VAL A 138 -20.98 -17.47 -7.69
N ILE A 139 -20.09 -17.72 -6.73
CA ILE A 139 -19.29 -16.72 -6.06
C ILE A 139 -17.87 -16.81 -6.63
N ARG A 140 -17.29 -15.68 -7.03
CA ARG A 140 -15.91 -15.64 -7.52
C ARG A 140 -14.87 -15.27 -6.45
N PRO A 141 -13.60 -15.60 -6.71
CA PRO A 141 -12.54 -15.11 -5.85
C PRO A 141 -12.59 -13.58 -5.78
N GLY A 142 -12.30 -13.01 -4.61
CA GLY A 142 -12.38 -11.61 -4.39
C GLY A 142 -13.76 -11.01 -4.43
N MET A 143 -14.82 -11.77 -4.68
CA MET A 143 -16.14 -11.16 -4.85
C MET A 143 -16.57 -10.30 -3.65
N ARG A 144 -17.12 -9.12 -3.87
CA ARG A 144 -17.69 -8.31 -2.79
C ARG A 144 -19.23 -8.31 -2.84
N ARG A 145 -19.88 -8.32 -1.66
CA ARG A 145 -21.31 -8.16 -1.53
C ARG A 145 -21.59 -7.20 -0.40
N LYS A 146 -22.26 -6.11 -0.72
CA LYS A 146 -22.49 -5.03 0.18
C LYS A 146 -23.73 -5.38 1.02
N VAL A 147 -23.62 -5.11 2.32
CA VAL A 147 -24.74 -5.28 3.24
C VAL A 147 -25.03 -3.85 3.65
N PRO A 148 -26.05 -3.24 3.04
CA PRO A 148 -26.17 -1.79 3.22
C PRO A 148 -26.31 -1.34 4.67
N GLY A 149 -25.70 -0.20 4.99
CA GLY A 149 -25.96 0.53 6.24
C GLY A 149 -25.44 -0.17 7.47
N GLU A 150 -24.78 -1.31 7.25
CA GLU A 150 -24.19 -2.10 8.35
C GLU A 150 -22.74 -1.74 8.64
N GLY A 151 -22.36 -0.51 8.29
CA GLY A 151 -21.02 -0.01 8.59
C GLY A 151 -21.01 0.92 9.78
N LEU A 152 -20.19 1.97 9.75
CA LEU A 152 -20.00 2.79 10.94
C LEU A 152 -20.73 4.12 10.80
N PRO A 153 -20.97 4.82 11.91
CA PRO A 153 -21.52 6.13 11.66
C PRO A 153 -20.56 7.06 10.87
N LEU A 154 -21.09 7.89 9.98
CA LEU A 154 -20.29 8.90 9.34
C LEU A 154 -20.03 9.85 10.48
N PRO A 155 -18.78 10.31 10.67
CA PRO A 155 -18.40 11.07 11.86
C PRO A 155 -18.96 12.51 11.93
N LYS A 156 -19.10 13.16 10.77
CA LYS A 156 -19.70 14.51 10.71
C LYS A 156 -21.21 14.41 10.86
N THR A 157 -21.80 13.31 10.37
CA THR A 157 -23.24 13.06 10.45
C THR A 157 -23.61 11.61 10.92
N PRO A 158 -23.40 11.31 12.23
CA PRO A 158 -23.51 9.97 12.79
C PRO A 158 -24.89 9.30 12.82
N GLU A 159 -25.94 10.02 12.40
CA GLU A 159 -27.25 9.37 12.09
C GLU A 159 -27.04 8.39 10.94
N LYS A 160 -26.03 8.71 10.11
CA LYS A 160 -25.74 8.04 8.85
C LYS A 160 -24.67 6.97 8.99
N ARG A 161 -24.69 6.00 8.06
CA ARG A 161 -23.91 4.76 8.20
C ARG A 161 -23.24 4.36 6.92
N GLY A 162 -22.01 3.87 7.03
CA GLY A 162 -21.36 3.23 5.91
C GLY A 162 -21.89 1.80 5.80
N ASP A 163 -21.24 0.98 4.99
CA ASP A 163 -21.72 -0.36 4.75
C ASP A 163 -20.80 -1.44 5.29
N LEU A 164 -21.35 -2.63 5.46
CA LEU A 164 -20.53 -3.79 5.70
C LEU A 164 -20.40 -4.48 4.38
N ILE A 165 -19.17 -4.77 3.97
CA ILE A 165 -18.91 -5.45 2.71
C ILE A 165 -18.39 -6.87 3.02
N ILE A 166 -19.08 -7.90 2.53
CA ILE A 166 -18.51 -9.25 2.56
C ILE A 166 -17.51 -9.38 1.43
N GLU A 167 -16.28 -9.76 1.72
CA GLU A 167 -15.30 -9.97 0.65
C GLU A 167 -14.73 -11.40 0.64
N PHE A 168 -15.10 -12.17 -0.37
CA PHE A 168 -14.81 -13.61 -0.36
C PHE A 168 -13.41 -13.97 -0.75
N GLU A 169 -12.82 -14.83 0.05
CA GLU A 169 -11.69 -15.64 -0.38
C GLU A 169 -12.12 -17.10 -0.61
N VAL A 170 -11.95 -17.60 -1.82
CA VAL A 170 -12.41 -18.94 -2.15
C VAL A 170 -11.29 -19.98 -2.06
N ILE A 171 -11.31 -20.80 -1.00
CA ILE A 171 -10.28 -21.82 -0.78
C ILE A 171 -10.42 -23.01 -1.73
N PHE A 172 -9.33 -23.24 -2.46
CA PHE A 172 -9.20 -24.36 -3.38
C PHE A 172 -8.53 -25.51 -2.61
N PRO A 173 -8.82 -26.76 -3.01
CA PRO A 173 -8.13 -27.95 -2.47
C PRO A 173 -6.66 -28.01 -2.90
N GLU A 174 -5.82 -28.67 -2.09
CA GLU A 174 -4.38 -28.85 -2.36
C GLU A 174 -4.17 -29.72 -3.60
N ARG A 175 -5.02 -30.74 -3.73
CA ARG A 175 -4.94 -31.68 -4.85
C ARG A 175 -6.30 -32.19 -5.27
N ILE A 176 -6.34 -32.72 -6.49
CA ILE A 176 -7.50 -33.36 -7.03
C ILE A 176 -7.02 -34.65 -7.71
N PRO A 177 -7.42 -35.83 -7.14
CA PRO A 177 -7.00 -37.13 -7.66
C PRO A 177 -7.58 -37.35 -9.06
N GLN A 178 -6.85 -38.04 -9.92
CA GLN A 178 -7.33 -38.30 -11.27
C GLN A 178 -8.80 -38.71 -11.32
N THR A 179 -9.26 -39.45 -10.30
CA THR A 179 -10.62 -39.99 -10.33
C THR A 179 -11.59 -38.81 -10.28
N SER A 180 -11.36 -37.89 -9.35
CA SER A 180 -12.14 -36.66 -9.36
C SER A 180 -12.09 -35.89 -10.70
N ARG A 181 -10.89 -35.70 -11.26
CA ARG A 181 -10.72 -34.88 -12.46
C ARG A 181 -11.49 -35.45 -13.64
N THR A 182 -11.56 -36.75 -13.76
CA THR A 182 -12.34 -37.30 -14.85
C THR A 182 -13.82 -36.96 -14.65
N VAL A 183 -14.24 -36.96 -13.39
CA VAL A 183 -15.61 -36.63 -13.11
C VAL A 183 -15.84 -35.13 -13.31
N LEU A 184 -14.97 -34.29 -12.73
CA LEU A 184 -15.03 -32.83 -12.93
C LEU A 184 -15.07 -32.43 -14.42
N GLU A 185 -14.18 -32.99 -15.22
CA GLU A 185 -14.08 -32.65 -16.62
C GLU A 185 -15.48 -32.69 -17.30
N GLN A 186 -16.31 -33.65 -16.93
CA GLN A 186 -17.53 -33.86 -17.70
C GLN A 186 -18.69 -32.93 -17.31
N VAL A 187 -18.47 -32.15 -16.24
CA VAL A 187 -19.57 -31.36 -15.67
C VAL A 187 -19.27 -29.87 -15.55
N LEU A 188 -18.00 -29.50 -15.44
CA LEU A 188 -17.57 -28.12 -15.50
C LEU A 188 -17.91 -27.56 -16.87
N PRO A 189 -18.53 -26.34 -16.91
CA PRO A 189 -18.79 -25.65 -18.18
C PRO A 189 -17.51 -25.37 -18.97
N ILE A 190 -17.68 -25.15 -20.27
CA ILE A 190 -16.59 -24.90 -21.24
C ILE A 190 -15.58 -23.81 -20.79
N LYS B 9 26.96 25.72 3.37
CA LYS B 9 25.55 25.74 2.87
C LYS B 9 25.42 25.33 1.37
N GLN B 10 25.08 24.05 1.16
CA GLN B 10 24.86 23.54 -0.16
C GLN B 10 23.37 23.33 -0.32
N ASP B 11 22.81 23.88 -1.40
CA ASP B 11 21.44 23.65 -1.74
C ASP B 11 21.03 22.16 -1.59
N PRO B 12 19.83 21.94 -1.02
CA PRO B 12 19.27 20.61 -0.92
C PRO B 12 19.05 19.97 -2.32
N PRO B 13 19.44 18.69 -2.47
CA PRO B 13 19.37 17.83 -3.67
C PRO B 13 18.16 18.06 -4.54
N VAL B 14 18.36 18.22 -5.85
CA VAL B 14 17.23 18.28 -6.78
C VAL B 14 17.06 16.95 -7.52
N THR B 15 15.85 16.43 -7.41
CA THR B 15 15.57 15.07 -7.77
C THR B 15 14.85 15.05 -9.11
N HIS B 16 15.22 14.13 -10.01
CA HIS B 16 14.52 14.01 -11.31
C HIS B 16 14.27 12.51 -11.60
N ASP B 17 13.03 12.18 -11.92
CA ASP B 17 12.65 10.80 -12.15
C ASP B 17 13.10 10.41 -13.54
N LEU B 18 13.82 9.30 -13.64
CA LEU B 18 14.30 8.81 -14.94
C LEU B 18 13.50 7.60 -15.46
N ARG B 19 12.47 7.84 -16.25
CA ARG B 19 11.61 6.75 -16.69
C ARG B 19 12.23 5.89 -17.79
N VAL B 20 12.50 4.62 -17.46
CA VAL B 20 13.05 3.65 -18.39
C VAL B 20 12.02 2.55 -18.66
N SER B 21 11.90 2.12 -19.91
CA SER B 21 10.99 1.02 -20.24
C SER B 21 11.66 -0.31 -19.93
N LEU B 22 10.89 -1.39 -19.96
CA LEU B 22 11.41 -2.69 -19.47
C LEU B 22 12.44 -3.24 -20.42
N GLU B 23 12.18 -3.08 -21.70
CA GLU B 23 13.14 -3.45 -22.76
C GLU B 23 14.48 -2.75 -22.57
N GLU B 24 14.43 -1.46 -22.24
CA GLU B 24 15.65 -0.70 -21.88
C GLU B 24 16.36 -1.29 -20.65
N ILE B 25 15.61 -1.81 -19.68
CA ILE B 25 16.22 -2.36 -18.49
C ILE B 25 16.90 -3.66 -18.84
N TYR B 26 16.23 -4.39 -19.76
CA TYR B 26 16.66 -5.68 -20.23
C TYR B 26 18.00 -5.59 -20.96
N SER B 27 18.11 -4.62 -21.89
CA SER B 27 19.30 -4.44 -22.72
C SER B 27 20.33 -3.47 -22.11
N GLY B 28 19.87 -2.56 -21.24
CA GLY B 28 20.71 -1.47 -20.75
C GLY B 28 20.71 -0.45 -21.86
N CYS B 29 20.89 0.82 -21.52
CA CYS B 29 20.78 1.88 -22.54
C CYS B 29 21.53 3.13 -22.06
N THR B 30 21.38 4.20 -22.85
CA THR B 30 22.06 5.45 -22.59
C THR B 30 21.03 6.53 -22.53
N LYS B 31 21.15 7.41 -21.54
CA LYS B 31 20.25 8.58 -21.47
C LYS B 31 21.02 9.88 -21.29
N LYS B 32 20.84 10.78 -22.26
CA LYS B 32 21.39 12.11 -22.20
C LYS B 32 20.32 13.04 -21.69
N MET B 33 20.64 13.70 -20.57
CA MET B 33 19.73 14.68 -19.94
C MET B 33 20.36 16.05 -20.01
N LYS B 34 19.70 16.94 -20.73
CA LYS B 34 20.10 18.32 -20.90
C LYS B 34 19.48 19.16 -19.77
N ILE B 35 20.35 19.72 -18.93
CA ILE B 35 19.93 20.70 -17.94
C ILE B 35 20.19 22.13 -18.36
N SER B 36 19.26 23.02 -18.02
CA SER B 36 19.57 24.44 -18.06
C SER B 36 19.55 24.87 -16.62
N HIS B 37 20.73 25.25 -16.16
CA HIS B 37 20.88 25.67 -14.79
C HIS B 37 21.43 27.11 -14.81
N LYS B 38 21.34 27.80 -13.69
CA LYS B 38 21.82 29.16 -13.65
C LYS B 38 23.23 29.18 -13.12
N ARG B 39 24.09 29.92 -13.81
CA ARG B 39 25.49 30.00 -13.45
C ARG B 39 25.96 31.44 -13.43
N LEU B 40 26.65 31.82 -12.35
CA LEU B 40 27.19 33.18 -12.22
C LEU B 40 27.95 33.42 -13.49
N ASN B 41 27.88 34.65 -13.99
CA ASN B 41 28.61 35.01 -15.19
C ASN B 41 30.11 35.12 -14.88
N PRO B 42 30.98 34.72 -15.84
CA PRO B 42 32.42 35.03 -15.81
C PRO B 42 32.82 36.32 -15.07
N ASP B 43 31.98 37.36 -15.15
CA ASP B 43 32.03 38.48 -14.20
C ASP B 43 30.77 38.50 -13.30
N GLY B 44 30.95 38.46 -11.99
CA GLY B 44 29.82 38.43 -11.06
C GLY B 44 28.84 39.58 -11.19
N LYS B 45 28.60 40.02 -12.43
CA LYS B 45 27.58 41.02 -12.69
C LYS B 45 26.24 40.30 -12.79
N SER B 46 26.19 39.26 -13.61
CA SER B 46 24.94 38.53 -13.85
C SER B 46 24.92 37.07 -13.36
N ILE B 47 23.72 36.60 -13.03
CA ILE B 47 23.40 35.16 -12.96
C ILE B 47 22.79 34.76 -14.31
N ARG B 48 23.60 34.13 -15.17
CA ARG B 48 23.20 33.73 -16.54
C ARG B 48 22.48 32.37 -16.61
N ASN B 49 22.19 31.91 -17.83
CA ASN B 49 21.64 30.58 -18.06
C ASN B 49 22.58 29.73 -18.93
N GLU B 50 22.72 28.45 -18.58
CA GLU B 50 23.68 27.58 -19.26
C GLU B 50 23.09 26.21 -19.49
N ASP B 51 23.48 25.63 -20.63
CA ASP B 51 23.17 24.24 -21.02
C ASP B 51 24.34 23.27 -20.79
N LYS B 52 23.98 22.04 -20.47
CA LYS B 52 24.94 20.98 -20.26
C LYS B 52 24.26 19.61 -20.43
N ILE B 53 25.04 18.67 -20.94
CA ILE B 53 24.60 17.31 -21.15
C ILE B 53 25.16 16.41 -20.10
N LEU B 54 24.24 15.71 -19.42
CA LEU B 54 24.62 14.75 -18.41
C LEU B 54 24.22 13.40 -18.97
N THR B 55 25.19 12.48 -19.07
CA THR B 55 24.98 11.18 -19.71
C THR B 55 24.93 10.10 -18.63
N ILE B 56 23.79 9.43 -18.52
CA ILE B 56 23.63 8.29 -17.63
C ILE B 56 23.66 6.99 -18.45
N GLU B 57 24.58 6.11 -18.06
CA GLU B 57 24.62 4.77 -18.62
C GLU B 57 23.80 3.86 -17.73
N VAL B 58 22.59 3.53 -18.20
CA VAL B 58 21.69 2.66 -17.44
C VAL B 58 22.19 1.24 -17.57
N LYS B 59 22.76 0.70 -16.50
CA LYS B 59 23.21 -0.67 -16.53
C LYS B 59 22.01 -1.58 -16.71
N LYS B 60 22.26 -2.65 -17.47
CA LYS B 60 21.39 -3.81 -17.60
C LYS B 60 20.88 -4.28 -16.25
N GLY B 61 19.55 -4.31 -16.12
CA GLY B 61 18.92 -4.84 -14.91
C GLY B 61 18.97 -4.02 -13.63
N TRP B 62 19.37 -2.74 -13.71
CA TRP B 62 19.20 -1.82 -12.59
C TRP B 62 17.76 -1.72 -12.12
N LYS B 63 17.55 -1.46 -10.83
CA LYS B 63 16.22 -1.48 -10.23
C LYS B 63 15.71 -0.11 -9.92
N GLU B 64 14.39 0.04 -10.01
CA GLU B 64 13.68 1.26 -9.68
C GLU B 64 14.24 1.83 -8.38
N GLY B 65 14.52 3.14 -8.36
CA GLY B 65 15.08 3.75 -7.15
C GLY B 65 16.58 3.91 -7.10
N THR B 66 17.30 3.26 -8.02
CA THR B 66 18.73 3.49 -8.20
C THR B 66 18.97 4.98 -8.38
N LYS B 67 19.97 5.48 -7.65
CA LYS B 67 20.33 6.89 -7.68
C LYS B 67 21.58 7.14 -8.51
N ILE B 68 21.44 8.04 -9.48
CA ILE B 68 22.57 8.52 -10.30
C ILE B 68 22.68 10.04 -10.08
N THR B 69 23.70 10.40 -9.31
CA THR B 69 23.89 11.77 -8.81
C THR B 69 25.00 12.49 -9.54
N PHE B 70 24.71 13.65 -10.10
CA PHE B 70 25.74 14.54 -10.65
C PHE B 70 25.94 15.73 -9.69
N PRO B 71 27.08 15.75 -8.97
CA PRO B 71 27.26 16.68 -7.83
C PRO B 71 27.28 18.12 -8.26
N LYS B 72 26.68 19.01 -7.47
CA LYS B 72 26.83 20.47 -7.68
C LYS B 72 26.27 21.00 -9.01
N GLU B 73 25.36 20.27 -9.65
CA GLU B 73 24.99 20.62 -11.02
C GLU B 73 23.68 21.39 -11.09
N GLY B 74 23.17 21.74 -9.92
CA GLY B 74 21.94 22.53 -9.82
C GLY B 74 22.23 24.00 -9.97
N ASP B 75 21.18 24.81 -9.93
CA ASP B 75 21.31 26.26 -10.05
C ASP B 75 22.38 26.89 -9.12
N GLN B 76 22.96 27.95 -9.63
CA GLN B 76 23.69 28.90 -8.81
C GLN B 76 22.90 30.22 -8.89
N THR B 77 21.66 30.18 -8.38
CA THR B 77 20.89 31.38 -8.07
C THR B 77 21.52 32.09 -6.84
N SER B 78 22.26 31.33 -6.03
CA SER B 78 22.87 31.86 -4.80
C SER B 78 24.37 32.10 -4.86
N ASN B 79 24.84 32.77 -3.82
CA ASN B 79 26.23 32.73 -3.43
C ASN B 79 26.42 31.61 -2.38
N ASN B 80 26.13 30.39 -2.81
CA ASN B 80 26.32 29.18 -2.01
C ASN B 80 26.58 27.99 -2.95
N ILE B 81 26.71 26.77 -2.40
CA ILE B 81 27.06 25.61 -3.21
C ILE B 81 25.83 24.99 -3.92
N PRO B 82 25.88 24.90 -5.26
CA PRO B 82 24.77 24.33 -6.06
C PRO B 82 24.38 22.90 -5.66
N ALA B 83 23.08 22.61 -5.68
CA ALA B 83 22.58 21.29 -5.29
C ALA B 83 23.10 20.16 -6.18
N ASP B 84 23.14 18.95 -5.63
CA ASP B 84 23.36 17.76 -6.45
C ASP B 84 22.12 17.57 -7.31
N ILE B 85 22.33 17.16 -8.57
CA ILE B 85 21.22 16.61 -9.36
C ILE B 85 21.19 15.10 -9.20
N VAL B 86 20.06 14.59 -8.75
CA VAL B 86 19.91 13.16 -8.44
C VAL B 86 18.82 12.58 -9.35
N PHE B 87 19.24 11.71 -10.26
CA PHE B 87 18.29 11.08 -11.15
C PHE B 87 17.86 9.83 -10.46
N VAL B 88 16.55 9.61 -10.40
CA VAL B 88 16.01 8.39 -9.76
C VAL B 88 15.35 7.50 -10.80
N LEU B 89 15.82 6.27 -10.89
CA LEU B 89 15.30 5.38 -11.93
C LEU B 89 13.89 4.86 -11.56
N LYS B 90 12.93 5.16 -12.45
CA LYS B 90 11.56 4.66 -12.38
C LYS B 90 11.30 3.71 -13.55
N ASP B 91 10.48 2.71 -13.29
CA ASP B 91 10.06 1.73 -14.28
C ASP B 91 8.89 2.26 -15.07
N LYS B 92 8.88 1.96 -16.36
CA LYS B 92 7.83 2.47 -17.21
C LYS B 92 6.87 1.32 -17.38
N PRO B 93 5.57 1.58 -17.18
CA PRO B 93 4.48 0.58 -17.34
C PRO B 93 4.66 -0.29 -18.58
N HIS B 94 4.63 -1.61 -18.41
CA HIS B 94 4.71 -2.45 -19.58
C HIS B 94 3.31 -2.98 -19.91
N ASN B 95 3.13 -3.27 -21.21
CA ASN B 95 1.84 -3.67 -21.76
C ASN B 95 1.65 -5.21 -21.70
N ILE B 96 2.58 -5.88 -21.03
CA ILE B 96 2.53 -7.34 -20.95
C ILE B 96 2.96 -7.75 -19.56
N PHE B 97 4.18 -7.38 -19.20
CA PHE B 97 4.73 -7.77 -17.93
C PHE B 97 4.61 -6.69 -16.88
N LYS B 98 4.65 -7.13 -15.63
CA LYS B 98 4.80 -6.26 -14.50
C LYS B 98 6.17 -6.65 -13.93
N ARG B 99 7.10 -5.69 -13.89
CA ARG B 99 8.43 -5.95 -13.33
C ARG B 99 8.38 -6.22 -11.83
N ASP B 100 9.31 -7.03 -11.35
CA ASP B 100 9.42 -7.26 -9.92
C ASP B 100 10.87 -7.54 -9.50
N GLY B 101 11.59 -6.49 -9.14
CA GLY B 101 13.02 -6.60 -8.87
C GLY B 101 13.68 -7.15 -10.12
N SER B 102 14.32 -8.30 -10.00
CA SER B 102 14.94 -8.87 -11.20
C SER B 102 14.07 -9.92 -11.88
N ASP B 103 12.83 -10.01 -11.41
CA ASP B 103 11.82 -10.91 -11.96
C ASP B 103 10.84 -10.09 -12.77
N VAL B 104 10.24 -10.74 -13.75
CA VAL B 104 9.11 -10.17 -14.47
C VAL B 104 7.88 -11.07 -14.30
N ILE B 105 6.80 -10.51 -13.77
CA ILE B 105 5.53 -11.22 -13.68
C ILE B 105 4.69 -11.20 -14.98
N TYR B 106 4.19 -12.37 -15.36
CA TYR B 106 3.28 -12.54 -16.48
C TYR B 106 1.89 -12.87 -15.92
N PRO B 107 0.92 -11.95 -16.05
CA PRO B 107 -0.45 -12.31 -15.60
C PRO B 107 -1.19 -13.19 -16.63
N ALA B 108 -1.68 -14.33 -16.18
CA ALA B 108 -2.33 -15.28 -17.10
C ALA B 108 -3.72 -15.64 -16.63
N ARG B 109 -4.70 -15.54 -17.52
CA ARG B 109 -6.09 -15.80 -17.18
C ARG B 109 -6.55 -17.18 -17.66
N ILE B 110 -7.21 -17.94 -16.78
CA ILE B 110 -7.69 -19.28 -17.16
C ILE B 110 -9.10 -19.54 -16.65
N SER B 111 -9.80 -20.47 -17.30
CA SER B 111 -11.13 -20.89 -16.87
C SER B 111 -10.94 -21.73 -15.66
N LEU B 112 -11.97 -21.78 -14.83
CA LEU B 112 -12.01 -22.70 -13.71
C LEU B 112 -11.77 -24.19 -14.14
N ARG B 113 -12.46 -24.63 -15.19
CA ARG B 113 -12.17 -25.90 -15.88
C ARG B 113 -10.67 -26.15 -16.16
N GLU B 114 -9.95 -25.15 -16.67
CA GLU B 114 -8.49 -25.24 -16.87
C GLU B 114 -7.69 -25.31 -15.57
N ALA B 115 -8.16 -24.63 -14.53
CA ALA B 115 -7.54 -24.67 -13.21
C ALA B 115 -7.68 -26.03 -12.47
N LEU B 116 -8.67 -26.84 -12.89
CA LEU B 116 -8.84 -28.18 -12.29
C LEU B 116 -8.72 -29.38 -13.26
N CYS B 117 -8.71 -29.11 -14.57
CA CYS B 117 -8.56 -30.20 -15.57
C CYS B 117 -7.33 -30.06 -16.47
N GLY B 118 -6.57 -28.98 -16.24
CA GLY B 118 -5.24 -28.80 -16.78
C GLY B 118 -5.29 -27.88 -17.96
N CYS B 119 -4.16 -27.21 -18.24
CA CYS B 119 -4.09 -26.34 -19.42
C CYS B 119 -2.67 -26.24 -19.93
N THR B 120 -2.55 -25.70 -21.14
CA THR B 120 -1.28 -25.14 -21.67
C THR B 120 -1.38 -23.61 -21.63
N VAL B 121 -0.37 -22.95 -21.07
CA VAL B 121 -0.20 -21.49 -21.22
C VAL B 121 0.99 -21.23 -22.11
N ASN B 122 0.75 -20.48 -23.18
CA ASN B 122 1.83 -20.07 -24.07
C ASN B 122 2.35 -18.70 -23.64
N VAL B 123 3.46 -18.76 -22.92
CA VAL B 123 3.99 -17.67 -22.12
C VAL B 123 4.97 -16.81 -22.94
N PRO B 124 4.69 -15.50 -23.11
CA PRO B 124 5.61 -14.62 -23.88
C PRO B 124 6.91 -14.53 -23.11
N THR B 125 8.04 -14.43 -23.81
CA THR B 125 9.32 -14.19 -23.16
C THR B 125 9.84 -12.78 -23.49
N LEU B 126 10.80 -12.30 -22.71
CA LEU B 126 11.43 -11.00 -22.99
C LEU B 126 11.96 -10.84 -24.42
N ASP B 127 12.45 -11.90 -25.04
CA ASP B 127 12.91 -11.75 -26.41
C ASP B 127 11.90 -12.08 -27.49
N GLY B 128 10.64 -11.84 -27.18
CA GLY B 128 9.56 -11.91 -28.14
C GLY B 128 9.21 -13.30 -28.64
N ARG B 129 9.57 -14.34 -27.89
CA ARG B 129 9.09 -15.70 -28.17
C ARG B 129 7.96 -16.15 -27.22
N THR B 130 7.45 -17.36 -27.41
CA THR B 130 6.45 -17.91 -26.47
C THR B 130 6.92 -19.27 -26.01
N ILE B 131 6.63 -19.63 -24.77
CA ILE B 131 7.14 -20.87 -24.19
C ILE B 131 5.95 -21.65 -23.66
N PRO B 132 5.74 -22.89 -24.16
CA PRO B 132 4.64 -23.71 -23.66
C PRO B 132 4.95 -24.22 -22.26
N VAL B 133 3.98 -24.06 -21.36
CA VAL B 133 4.00 -24.65 -20.03
C VAL B 133 2.62 -25.29 -19.80
N VAL B 134 2.60 -26.63 -19.80
CA VAL B 134 1.37 -27.42 -19.60
C VAL B 134 1.20 -27.58 -18.09
N PHE B 135 -0.05 -27.55 -17.62
CA PHE B 135 -0.34 -27.70 -16.18
C PHE B 135 -1.23 -28.89 -15.87
N LYS B 136 -0.91 -29.61 -14.79
CA LYS B 136 -1.67 -30.84 -14.45
C LYS B 136 -1.94 -31.05 -12.93
N ASP B 137 -1.80 -30.00 -12.15
CA ASP B 137 -2.27 -29.93 -10.77
C ASP B 137 -3.32 -28.83 -10.73
N VAL B 138 -3.94 -28.67 -9.55
CA VAL B 138 -4.95 -27.64 -9.32
C VAL B 138 -4.23 -26.31 -9.41
N ILE B 139 -4.84 -25.38 -10.16
CA ILE B 139 -4.34 -24.02 -10.18
C ILE B 139 -5.20 -23.12 -9.28
N ARG B 140 -4.64 -22.67 -8.15
CA ARG B 140 -5.36 -21.77 -7.24
C ARG B 140 -5.35 -20.28 -7.72
N PRO B 141 -6.28 -19.43 -7.19
CA PRO B 141 -6.23 -18.01 -7.59
C PRO B 141 -5.04 -17.38 -6.94
N GLY B 142 -4.26 -16.66 -7.76
CA GLY B 142 -3.02 -16.03 -7.30
C GLY B 142 -1.78 -16.92 -7.33
N MET B 143 -1.92 -18.18 -7.77
CA MET B 143 -0.78 -19.11 -7.84
C MET B 143 0.28 -18.61 -8.85
N ARG B 144 1.54 -18.64 -8.39
CA ARG B 144 2.73 -18.32 -9.19
C ARG B 144 3.50 -19.59 -9.53
N ARG B 145 4.01 -19.66 -10.74
CA ARG B 145 4.97 -20.70 -11.07
C ARG B 145 6.17 -20.07 -11.76
N LYS B 146 7.37 -20.28 -11.20
CA LYS B 146 8.60 -19.70 -11.79
C LYS B 146 9.02 -20.43 -13.07
N VAL B 147 9.40 -19.68 -14.09
CA VAL B 147 10.15 -20.22 -15.21
C VAL B 147 11.55 -19.68 -15.04
N PRO B 148 12.53 -20.53 -14.65
CA PRO B 148 13.77 -19.97 -14.12
C PRO B 148 14.57 -19.30 -15.21
N GLY B 149 15.35 -18.28 -14.83
CA GLY B 149 16.28 -17.59 -15.74
C GLY B 149 15.68 -16.84 -16.92
N GLU B 150 14.35 -16.76 -17.02
CA GLU B 150 13.71 -15.94 -18.05
C GLU B 150 13.30 -14.53 -17.60
N GLY B 151 13.80 -14.09 -16.45
CA GLY B 151 13.70 -12.67 -16.06
C GLY B 151 14.84 -11.74 -16.55
N LEU B 152 15.07 -10.67 -15.81
CA LEU B 152 16.04 -9.64 -16.16
C LEU B 152 17.43 -9.98 -15.62
N PRO B 153 18.49 -9.56 -16.32
CA PRO B 153 19.85 -9.83 -15.88
C PRO B 153 20.03 -9.30 -14.47
N LEU B 154 20.77 -10.00 -13.62
CA LEU B 154 21.03 -9.48 -12.26
C LEU B 154 22.09 -8.39 -12.34
N PRO B 155 21.75 -7.14 -11.94
CA PRO B 155 22.57 -5.95 -12.23
C PRO B 155 24.04 -6.15 -11.87
N LYS B 156 24.28 -6.86 -10.76
CA LYS B 156 25.63 -7.27 -10.39
C LYS B 156 26.15 -8.39 -11.32
N THR B 157 25.46 -9.52 -11.40
CA THR B 157 25.97 -10.64 -12.15
C THR B 157 25.30 -10.78 -13.54
N PRO B 158 25.43 -9.74 -14.42
CA PRO B 158 24.56 -9.66 -15.63
C PRO B 158 24.70 -10.79 -16.67
N GLU B 159 25.59 -11.75 -16.42
CA GLU B 159 25.62 -12.96 -17.23
C GLU B 159 24.44 -13.86 -16.79
N LYS B 160 24.07 -13.70 -15.54
CA LYS B 160 23.01 -14.46 -14.91
C LYS B 160 21.72 -13.62 -14.90
N ARG B 161 20.58 -14.31 -14.80
CA ARG B 161 19.26 -13.69 -14.87
C ARG B 161 18.37 -14.10 -13.69
N GLY B 162 17.34 -13.32 -13.44
CA GLY B 162 16.28 -13.72 -12.53
C GLY B 162 15.23 -14.51 -13.31
N ASP B 163 14.04 -14.65 -12.74
CA ASP B 163 13.04 -15.52 -13.34
C ASP B 163 11.83 -14.78 -13.85
N LEU B 164 11.10 -15.45 -14.73
CA LEU B 164 9.76 -15.06 -15.18
C LEU B 164 8.69 -15.77 -14.32
N ILE B 165 7.76 -15.00 -13.77
CA ILE B 165 6.73 -15.56 -12.89
C ILE B 165 5.34 -15.50 -13.54
N ILE B 166 4.67 -16.64 -13.61
CA ILE B 166 3.30 -16.74 -14.11
C ILE B 166 2.39 -16.62 -12.89
N GLU B 167 1.55 -15.59 -12.88
CA GLU B 167 0.57 -15.39 -11.81
C GLU B 167 -0.80 -15.58 -12.42
N PHE B 168 -1.55 -16.50 -11.80
CA PHE B 168 -2.81 -16.93 -12.32
C PHE B 168 -3.97 -16.18 -11.78
N GLU B 169 -4.91 -15.91 -12.66
CA GLU B 169 -6.22 -15.41 -12.32
C GLU B 169 -7.18 -16.42 -12.94
N VAL B 170 -8.14 -16.88 -12.12
CA VAL B 170 -9.02 -18.01 -12.47
C VAL B 170 -10.43 -17.49 -12.73
N ILE B 171 -10.89 -17.59 -13.97
CA ILE B 171 -12.19 -17.04 -14.37
C ILE B 171 -13.37 -18.01 -14.14
N PHE B 172 -14.28 -17.63 -13.23
CA PHE B 172 -15.45 -18.45 -12.85
C PHE B 172 -16.58 -18.17 -13.82
N PRO B 173 -17.55 -19.09 -13.95
CA PRO B 173 -18.81 -18.73 -14.66
C PRO B 173 -19.78 -17.97 -13.72
N GLU B 174 -20.93 -17.52 -14.22
CA GLU B 174 -21.99 -16.97 -13.32
C GLU B 174 -23.02 -18.05 -12.94
N ARG B 175 -23.30 -18.90 -13.92
CA ARG B 175 -24.43 -19.82 -13.94
C ARG B 175 -23.88 -21.25 -13.95
N ILE B 176 -24.42 -22.11 -13.10
CA ILE B 176 -24.16 -23.55 -13.23
C ILE B 176 -25.45 -24.36 -13.12
N PRO B 177 -25.72 -25.20 -14.15
CA PRO B 177 -26.87 -26.09 -14.24
C PRO B 177 -27.05 -26.96 -13.00
N GLN B 178 -28.25 -27.51 -12.81
CA GLN B 178 -28.60 -28.24 -11.58
C GLN B 178 -27.77 -29.51 -11.39
N THR B 179 -27.62 -30.25 -12.47
CA THR B 179 -26.91 -31.52 -12.51
C THR B 179 -25.43 -31.33 -12.15
N SER B 180 -24.79 -30.35 -12.77
CA SER B 180 -23.43 -30.03 -12.41
C SER B 180 -23.33 -29.72 -10.92
N ARG B 181 -24.32 -29.02 -10.37
CA ARG B 181 -24.29 -28.57 -8.96
C ARG B 181 -24.31 -29.70 -7.92
N THR B 182 -25.19 -30.67 -8.14
CA THR B 182 -25.31 -31.88 -7.30
C THR B 182 -24.03 -32.73 -7.33
N VAL B 183 -23.49 -32.89 -8.53
CA VAL B 183 -22.22 -33.60 -8.78
C VAL B 183 -21.05 -32.95 -8.02
N LEU B 184 -20.94 -31.63 -8.11
CA LEU B 184 -19.82 -30.93 -7.51
C LEU B 184 -19.93 -30.98 -5.98
N GLU B 185 -21.17 -31.05 -5.46
CA GLU B 185 -21.38 -31.25 -4.01
C GLU B 185 -20.81 -32.59 -3.52
N GLN B 186 -21.05 -33.67 -4.30
CA GLN B 186 -20.60 -35.02 -3.99
C GLN B 186 -19.08 -35.17 -4.19
N VAL B 187 -18.54 -34.55 -5.23
CA VAL B 187 -17.14 -34.83 -5.60
C VAL B 187 -16.03 -33.91 -5.09
N LEU B 188 -16.34 -32.70 -4.64
CA LEU B 188 -15.26 -31.74 -4.28
C LEU B 188 -14.53 -31.92 -2.93
N PRO B 189 -13.19 -32.09 -3.00
CA PRO B 189 -12.31 -32.20 -1.82
C PRO B 189 -12.41 -30.98 -0.90
N ILE B 190 -13.07 -31.20 0.24
CA ILE B 190 -13.14 -30.27 1.41
C ILE B 190 -14.24 -29.14 1.36
N GLY C 1 10.71 15.42 28.92
CA GLY C 1 9.37 15.77 28.40
C GLY C 1 8.25 15.17 29.25
N PRO C 2 7.00 15.61 29.01
CA PRO C 2 5.87 15.10 29.79
C PRO C 2 5.67 13.62 29.51
N THR C 3 5.17 12.87 30.50
CA THR C 3 4.84 11.47 30.32
C THR C 3 3.33 11.36 30.34
N ILE C 4 2.79 10.56 29.41
CA ILE C 4 1.35 10.37 29.25
C ILE C 4 1.00 8.88 29.32
N GLU C 5 -0.03 8.53 30.08
CA GLU C 5 -0.51 7.16 30.04
C GLU C 5 -2.02 7.06 30.25
N GLU C 6 -2.64 6.06 29.63
CA GLU C 6 -4.08 5.89 29.74
C GLU C 6 -4.54 5.38 31.12
N VAL C 7 -5.66 5.91 31.63
CA VAL C 7 -6.17 5.46 32.97
C VAL C 7 -7.64 5.13 33.03
N ASP C 8 -8.02 4.32 34.00
CA ASP C 8 -9.29 3.58 33.93
C ASP C 8 -10.56 4.21 34.48
N GLY D 1 14.11 26.22 -9.88
CA GLY D 1 14.68 24.85 -10.14
C GLY D 1 15.06 24.70 -11.59
N PRO D 2 16.16 23.96 -11.87
CA PRO D 2 16.66 23.86 -13.25
C PRO D 2 15.80 22.99 -14.15
N THR D 3 15.82 23.33 -15.44
CA THR D 3 15.09 22.58 -16.46
C THR D 3 15.88 21.35 -16.94
N ILE D 4 15.20 20.20 -17.03
CA ILE D 4 15.81 18.91 -17.44
C ILE D 4 14.94 18.21 -18.47
N GLU D 5 15.57 17.47 -19.37
CA GLU D 5 14.90 17.04 -20.57
C GLU D 5 15.78 16.02 -21.28
N GLU D 6 15.20 14.91 -21.76
CA GLU D 6 16.00 13.89 -22.47
C GLU D 6 16.30 14.32 -23.91
N VAL D 7 17.43 13.87 -24.46
CA VAL D 7 17.84 14.23 -25.83
C VAL D 7 18.60 13.11 -26.53
N ASP D 8 18.65 13.17 -27.86
CA ASP D 8 19.36 12.17 -28.65
C ASP D 8 20.84 12.59 -28.90
N GLY E 1 -13.12 21.17 25.70
CA GLY E 1 -11.79 21.88 25.90
C GLY E 1 -10.76 21.69 24.78
N PRO E 2 -10.49 20.42 24.40
CA PRO E 2 -9.57 20.21 23.28
C PRO E 2 -10.13 20.73 21.96
N THR E 3 -9.26 21.13 21.03
CA THR E 3 -9.70 21.40 19.67
C THR E 3 -9.48 20.16 18.81
N ILE E 4 -10.46 19.88 17.97
CA ILE E 4 -10.43 18.70 17.13
C ILE E 4 -10.07 19.07 15.70
N GLU E 5 -9.02 18.48 15.16
CA GLU E 5 -8.86 18.50 13.72
C GLU E 5 -9.41 17.19 13.14
N GLU E 6 -10.44 17.29 12.31
CA GLU E 6 -11.18 16.11 11.85
C GLU E 6 -10.56 15.55 10.59
N VAL E 7 -10.65 14.24 10.41
CA VAL E 7 -10.38 13.67 9.11
C VAL E 7 -11.74 13.52 8.42
N ASP E 8 -11.81 13.94 7.16
CA ASP E 8 -13.00 13.74 6.34
C ASP E 8 -13.03 12.31 5.75
N GLY F 1 29.82 11.47 -15.06
CA GLY F 1 30.37 10.18 -14.53
C GLY F 1 29.90 9.86 -13.12
N PRO F 2 28.58 9.99 -12.88
CA PRO F 2 27.89 10.09 -11.59
C PRO F 2 28.29 9.09 -10.50
N THR F 3 28.06 9.48 -9.24
CA THR F 3 28.03 8.52 -8.13
C THR F 3 26.79 7.67 -8.32
N ILE F 4 26.96 6.36 -8.26
CA ILE F 4 25.85 5.44 -8.23
C ILE F 4 25.66 4.86 -6.82
N GLU F 5 24.49 5.13 -6.24
CA GLU F 5 24.02 4.46 -5.04
C GLU F 5 22.88 3.49 -5.47
N GLU F 6 23.11 2.20 -5.28
CA GLU F 6 22.18 1.18 -5.79
C GLU F 6 21.13 0.76 -4.77
N VAL F 7 19.94 0.40 -5.26
CA VAL F 7 19.01 -0.52 -4.56
C VAL F 7 19.67 -1.89 -4.73
N ASP F 8 19.57 -2.77 -3.72
CA ASP F 8 20.32 -4.04 -3.77
C ASP F 8 19.83 -5.14 -4.73
#